data_3J3O
#
_entry.id   3J3O
#
_cell.length_a   1.000
_cell.length_b   1.000
_cell.length_c   1.000
_cell.angle_alpha   90.00
_cell.angle_beta   90.00
_cell.angle_gamma   90.00
#
_symmetry.space_group_name_H-M   'P 1'
#
loop_
_entity.id
_entity.type
_entity.pdbx_description
1 polymer 'C3 antibody, light chain'
2 polymer 'C3 antibody, heavy chain'
3 polymer 'unknown peptide'
4 polymer 'Protein VP1'
5 polymer 'Protein VP2'
6 polymer 'Protein VP3'
7 polymer 'Protein VP4'
8 non-polymer SPHINGOSINE
9 non-polymer 'MYRISTIC ACID'
#
loop_
_entity_poly.entity_id
_entity_poly.type
_entity_poly.pdbx_seq_one_letter_code
_entity_poly.pdbx_strand_id
1 'polypeptide(L)'
;DVVMTQTPLSLPVSLGDQASISCSSSQSLVHSNGKTYLHWYLQKPGQSPKLLIYKVSNRFSGVPDRFSGSGSGTYFTLKI
SRVEAEDLGVYFCSQSTHVPYTFGGGTKLEIKRADAAPTVSIFPPSSEQLTSGGASVVCFLNNFYPKDINVKWKIDGSEV
QNGVLNSWTDQDSKDSTYSMSSTLTLTKDEYERHNSYTCEATHKTSTSPIVKSFNRNEC
;
L
2 'polypeptide(L)'
;QVQLQQSGAELVRPGTSVKVSCKASGYAFTNYLIQWIKQRPGQGLEWIGVINPGSGGTDYNANFKGKATLTADKSSSIVY
MQLSSLTSDDSAVYFCARDFYDYDVGFDYWGQGTTLTVSSAKTTAPSVYPLAPVCGDTTGSSVTLGCLVKGYFPEPVTLT
WNSGSLSSGVHTFPAVLQSDLYTLSSSVTVTSSTWPSQSITCNVAHPASSTKVDKKIEPR
;
H
3 'polypeptide(L)' GSSST 0
4 'polypeptide(L)'
;GLGQMLESMIDNTVRETVGAATSRDALPNTEASGPTHSKEIPALTAVETGATNPLVPSDTVQTRHVVQHRSRSESSIESF
FARGACVTIMTVDNPASTTNKDKLFAVWKITYKDTVQLRRKLEFFTYSRFDMELTFVVTANFTETNNGHALNQVYQIMYV
PPGAPVPEKWDDYTWQTSSNPSIFYTYGTAPARISVPYVGISNAYSHFYDGFSKVPLKDQSAALGDSLYGAASLNDFGIL
AVRVVNDHNPTKVTSKIRVYLKPKHIRVWCPRPPRAVAYYGPGVDYKDGTLTPLSTKDLTTY
;
1
5 'polypeptide(L)'
;SPNIEACGYSDRVLQLTLGNSTITTQEAANSVVAYGRWPEYLRDSEANPVDQPTEPDVAACRFYTLDTVSWTKESRGWWW
KLPDALRDMGLFGQNMYYHYLGRSGYTVHVQCNASKFHQGALGVFAVPEMCLAGDSNTTTMHTSYQNANPGEKGGTFTGT
FTPDNNQTSPARRFCPVDYLLGNGTLLGNAFVFPHQIINLRTNNCATLVLPYVNSLSIDSMVKHNNWGIAILPLAPLNFA
SESSPEIPITLTIAPMCCEFNGLRNITLPRLQ
;
2
6 'polypeptide(L)'
;GLPVMNTPGSNQYLTADNFQSPCALPEFDVTPPIDIPGEVKNMMELAEIDTMIPFDLSATKKNTMEMYRVRLSDKPHTDD
PILCLSLSPASDPRLSHTMLGEILNYYTHWAGSLKFTFLFCGSMMATGKLLVSYAPPGADPPKKRKEAMLGTHVIWDIGL
QSSCTMVVPWISNTTYRQTIDDSFTEGGYISVFYQTRIVVPLSTPREMDILGFVSACNDFSVRLLRDTTHIEQKALAQ
;
3
7 'polypeptide(L)' GAQVSSQKVGAHENSNRAYGGSTINYTTINYYRDSASNAASKQDFSQDPSKFTEPIKDVLIKTAPMLN 4
#
# COMPACT_ATOMS: atom_id res chain seq x y z
CA ASP A 1 12.05 -1.81 -18.28
CA VAL A 2 8.48 -1.39 -17.13
CA VAL A 3 7.09 -4.66 -18.26
CA MET A 4 3.72 -3.74 -19.82
CA THR A 5 0.72 -6.11 -19.69
CA GLN A 6 -2.56 -6.30 -21.49
CA THR A 7 -5.53 -8.50 -20.91
CA PRO A 8 -7.42 -9.82 -22.78
CA LEU A 9 -5.36 -11.15 -25.67
CA SER A 10 -8.59 -11.10 -27.61
CA LEU A 11 -11.97 -9.66 -26.84
CA PRO A 12 -15.08 -10.96 -28.59
CA VAL A 13 -17.66 -8.08 -28.13
CA SER A 14 -21.15 -7.30 -29.62
CA LEU A 15 -22.32 -3.96 -31.41
CA GLY A 16 -23.89 -1.70 -28.74
CA ASP A 17 -22.43 -3.56 -25.64
CA GLN A 18 -19.64 -2.38 -23.23
CA ALA A 19 -16.02 -3.35 -23.66
CA SER A 20 -13.18 -2.96 -21.22
CA ILE A 21 -9.48 -3.50 -22.03
CA SER A 22 -7.02 -3.70 -19.13
CA CYS A 23 -3.33 -2.83 -18.73
CA SER A 24 -0.99 -3.20 -15.85
CA SER A 25 2.66 -2.32 -15.34
CA SER A 26 5.66 -3.63 -13.41
CA GLN A 27 6.73 -0.19 -12.17
CA SER A 28 4.77 2.75 -10.94
CA LEU A 29 4.02 4.66 -13.99
CA VAL A 30 3.72 8.06 -12.06
CA HIS A 31 6.89 10.07 -12.92
CA SER A 32 8.30 12.32 -10.10
CA ASN A 33 6.70 15.52 -11.56
CA GLY A 34 3.39 14.08 -10.64
CA LYS A 35 2.05 12.92 -14.04
CA THR A 36 0.98 9.27 -14.92
CA TYR A 37 2.01 9.02 -18.56
CA LEU A 38 0.15 5.99 -19.86
CA HIS A 39 -1.28 6.40 -23.37
CA TRP A 40 -3.72 4.27 -25.32
CA TYR A 41 -3.47 3.70 -29.07
CA LEU A 42 -5.70 2.05 -31.82
CA GLN A 43 -4.23 0.14 -34.85
CA LYS A 44 -6.99 -0.67 -37.23
CA PRO A 45 -6.05 -3.61 -39.49
CA GLY A 46 -3.60 -2.36 -42.04
CA GLN A 47 -3.57 1.34 -41.01
CA SER A 48 -0.79 2.78 -38.65
CA PRO A 49 -1.55 3.25 -34.91
CA LYS A 50 -3.53 6.37 -33.94
CA LEU A 51 -3.61 8.01 -30.40
CA LEU A 52 -6.91 7.50 -28.41
CA ILE A 53 -6.35 8.76 -24.85
CA TYR A 54 -3.21 10.64 -23.88
CA LYS A 55 -2.25 11.24 -20.26
CA VAL A 56 -4.49 8.51 -18.61
CA SER A 57 -7.96 9.87 -18.92
CA ASN A 58 -7.90 12.78 -21.45
CA ARG A 59 -8.96 12.02 -25.06
CA PHE A 60 -7.16 13.07 -28.20
CA SER A 61 -9.05 15.27 -30.66
CA GLY A 62 -12.13 14.13 -32.47
CA VAL A 63 -12.45 11.05 -30.29
CA PRO A 64 -16.00 9.86 -29.42
CA ASP A 65 -17.09 10.21 -25.73
CA ARG A 66 -17.68 6.44 -25.85
CA PHE A 67 -13.93 5.99 -25.23
CA SER A 68 -12.58 6.60 -21.72
CA GLY A 69 -9.40 5.94 -20.04
CA SER A 70 -8.94 5.55 -16.35
CA GLY A 71 -6.61 4.18 -13.81
CA SER A 72 -3.87 4.75 -11.25
CA GLY A 73 -0.17 4.15 -10.72
CA THR A 74 0.09 0.62 -12.08
CA TYR A 75 -3.41 -0.18 -13.08
CA PHE A 76 -5.21 1.37 -15.97
CA THR A 77 -8.30 0.15 -17.80
CA LEU A 78 -9.82 1.50 -21.16
CA LYS A 79 -13.58 1.52 -21.91
CA ILE A 80 -15.79 1.50 -24.90
CA SER A 81 -19.37 2.27 -23.98
CA ARG A 82 -21.31 0.91 -26.97
CA VAL A 83 -19.21 -0.77 -29.34
CA GLU A 84 -19.39 0.07 -32.93
CA ALA A 85 -18.11 -1.53 -36.14
CA GLU A 86 -15.36 1.19 -36.47
CA ASP A 87 -13.69 -0.02 -33.31
CA LEU A 88 -12.23 -3.07 -34.90
CA GLY A 89 -8.55 -3.25 -34.20
CA VAL A 90 -5.79 -3.98 -31.79
CA TYR A 91 -5.53 -1.58 -28.80
CA PHE A 92 -2.03 -0.73 -27.47
CA CYS A 93 -1.28 0.74 -24.09
CA SER A 94 2.19 2.41 -23.73
CA GLN A 95 4.19 4.29 -21.11
CA SER A 96 6.46 7.27 -21.72
CA THR A 97 7.35 7.99 -18.11
CA HIS A 98 10.36 5.70 -18.19
CA VAL A 99 12.94 5.23 -21.09
CA PRO A 100 12.73 2.71 -22.85
CA TYR A 101 9.27 3.56 -23.73
CA THR A 102 7.44 0.34 -23.79
CA PHE A 103 4.18 -0.79 -25.36
CA GLY A 104 1.62 -3.37 -24.33
CA GLY A 105 0.87 -6.63 -26.11
CA GLY A 106 -2.35 -5.51 -27.66
CA THR A 107 -5.90 -6.68 -27.29
CA LYS A 108 -7.72 -7.70 -30.47
CA LEU A 109 -11.24 -6.27 -30.34
CA GLU A 110 -13.46 -8.77 -32.35
CA ILE A 111 -17.12 -7.67 -33.23
CA LYS A 112 -19.46 -10.48 -32.27
CA ARG A 113 -22.56 -9.73 -34.43
CA ALA A 114 -23.71 -12.67 -32.26
CA ASP A 115 -21.26 -15.51 -32.45
CA ALA A 116 -20.02 -16.33 -36.00
CA ALA A 117 -18.66 -19.66 -37.28
CA PRO A 118 -16.40 -20.31 -40.21
CA THR A 119 -17.17 -21.15 -43.84
CA VAL A 120 -14.59 -23.67 -44.50
CA SER A 121 -13.99 -24.45 -48.20
CA ILE A 122 -11.50 -27.04 -49.36
CA PHE A 123 -9.79 -26.57 -52.68
CA PRO A 124 -7.99 -29.32 -54.55
CA PRO A 125 -4.81 -28.49 -56.47
CA SER A 126 -5.57 -26.98 -59.83
CA SER A 127 -4.45 -28.63 -63.01
CA GLU A 128 -2.07 -25.85 -63.94
CA GLN A 129 -0.10 -26.52 -60.69
CA LEU A 130 -0.09 -30.35 -60.79
CA THR A 131 1.47 -30.01 -64.27
CA SER A 132 4.45 -28.20 -62.58
CA GLY A 133 5.97 -30.66 -60.19
CA GLY A 134 4.11 -29.62 -57.07
CA ALA A 135 0.66 -29.55 -55.84
CA SER A 136 -1.02 -27.40 -53.12
CA VAL A 137 -4.23 -28.14 -51.19
CA VAL A 138 -5.72 -24.60 -50.48
CA CYS A 139 -8.27 -23.95 -47.66
CA PHE A 140 -10.33 -20.75 -46.82
CA LEU A 141 -11.91 -20.54 -43.27
CA ASN A 142 -14.25 -17.50 -43.78
CA ASN A 143 -16.25 -14.79 -42.10
CA PHE A 144 -15.64 -15.93 -38.53
CA TYR A 145 -15.72 -14.29 -35.08
CA PRO A 146 -13.86 -14.34 -32.56
CA LYS A 147 -10.32 -14.47 -34.06
CA ASP A 148 -8.94 -17.36 -31.99
CA ILE A 149 -9.57 -20.17 -34.46
CA ASN A 150 -7.45 -23.35 -34.76
CA VAL A 151 -6.55 -25.25 -37.94
CA LYS A 152 -5.26 -28.75 -38.15
CA TRP A 153 -4.78 -30.48 -41.55
CA LYS A 154 -5.03 -34.22 -41.77
CA ILE A 155 -3.87 -36.14 -44.83
CA ASP A 156 -5.70 -39.54 -45.10
CA GLY A 157 -6.83 -39.59 -41.44
CA SER A 158 -3.52 -38.35 -39.96
CA GLU A 159 -2.20 -34.94 -38.72
CA VAL A 160 0.25 -33.10 -41.05
CA GLN A 161 2.66 -30.68 -39.64
CA ASN A 162 4.59 -29.33 -42.68
CA GLY A 163 4.60 -26.72 -45.39
CA VAL A 164 1.43 -25.55 -43.62
CA LEU A 165 1.03 -21.81 -44.24
CA ASN A 166 -1.59 -19.70 -42.50
CA SER A 167 -2.64 -16.14 -43.47
CA TRP A 168 -5.04 -14.13 -41.16
CA THR A 169 -7.27 -11.15 -42.09
CA ASP A 170 -8.07 -8.12 -40.19
CA GLN A 171 -11.47 -7.51 -38.68
CA ASP A 172 -13.87 -6.64 -41.34
CA SER A 173 -15.12 -3.13 -41.81
CA LYS A 174 -18.68 -3.68 -42.93
CA ASP A 175 -19.39 -6.79 -40.85
CA SER A 176 -16.76 -7.02 -38.09
CA THR A 177 -15.62 -10.55 -38.90
CA TYR A 178 -12.28 -12.23 -39.19
CA SER A 179 -11.07 -14.75 -41.84
CA MET A 180 -8.25 -17.15 -42.65
CA SER A 181 -6.45 -18.99 -45.36
CA SER A 182 -4.57 -22.18 -44.65
CA THR A 183 -2.46 -23.57 -47.51
CA LEU A 184 -0.81 -27.03 -47.57
CA THR A 185 1.78 -27.39 -50.28
CA LEU A 186 2.87 -30.87 -51.24
CA THR A 187 5.15 -32.29 -53.93
CA LYS A 188 3.17 -33.65 -56.95
CA ASP A 189 3.97 -37.21 -55.86
CA GLU A 190 3.29 -36.81 -52.03
CA TYR A 191 0.06 -35.20 -53.14
CA GLU A 192 -0.66 -38.27 -55.33
CA ARG A 193 0.26 -41.32 -53.13
CA HIS A 194 -2.56 -40.35 -50.66
CA ASN A 195 -6.30 -40.12 -51.27
CA SER A 196 -7.88 -38.11 -48.44
CA TYR A 197 -7.51 -34.48 -47.33
CA THR A 198 -9.03 -32.79 -44.28
CA CYS A 199 -8.93 -29.14 -43.07
CA GLU A 200 -10.23 -28.93 -39.41
CA ALA A 201 -10.91 -25.92 -37.30
CA THR A 202 -11.42 -25.75 -33.55
CA HIS A 203 -13.35 -22.69 -32.05
CA LYS A 204 -16.29 -21.85 -29.45
CA THR A 205 -19.23 -22.00 -31.86
CA SER A 206 -19.06 -25.68 -32.14
CA THR A 207 -17.48 -28.17 -29.76
CA SER A 208 -16.65 -30.39 -32.69
CA PRO A 209 -14.02 -29.65 -35.44
CA ILE A 210 -15.63 -27.96 -38.45
CA VAL A 211 -14.28 -30.59 -40.70
CA LYS A 212 -14.41 -30.19 -44.41
CA SER A 213 -12.65 -33.00 -46.40
CA PHE A 214 -12.13 -34.22 -50.01
CA ASN A 215 -10.72 -37.30 -51.97
CA ARG A 216 -7.75 -37.28 -54.67
CA ASN A 217 -9.91 -39.48 -56.85
CA GLU A 218 -11.36 -36.19 -58.03
CA CYS A 219 -12.82 -37.65 -61.38
CA GLN B 1 -2.62 18.87 -43.07
CA VAL B 2 -0.05 17.71 -40.33
CA GLN B 3 1.68 15.01 -42.43
CA LEU B 4 4.60 12.77 -41.51
CA GLN B 5 5.69 11.12 -44.67
CA GLN B 6 7.87 8.04 -45.14
CA SER B 7 10.36 6.52 -47.51
CA GLY B 8 8.52 3.69 -49.27
CA ALA B 9 9.38 -0.03 -49.29
CA GLU B 10 12.80 -1.64 -49.62
CA LEU B 11 14.47 -4.88 -50.47
CA VAL B 12 17.82 -5.26 -48.88
CA ARG B 13 20.65 -7.72 -49.05
CA PRO B 14 21.78 -9.00 -45.49
CA GLY B 15 24.98 -7.16 -44.33
CA THR B 16 23.77 -4.06 -46.12
CA SER B 17 22.44 -0.90 -44.47
CA VAL B 18 19.44 1.32 -45.07
CA LYS B 19 18.44 5.02 -44.71
CA VAL B 20 14.73 5.09 -44.14
CA SER B 21 13.51 8.72 -44.18
CA CYS B 22 10.61 10.36 -42.37
CA LYS B 23 9.57 13.68 -43.94
CA ALA B 24 7.52 16.18 -42.06
CA SER B 25 5.07 18.72 -43.46
CA GLY B 26 2.44 21.11 -41.99
CA TYR B 27 3.74 21.64 -38.50
CA ALA B 28 6.72 23.40 -36.84
CA PHE B 29 9.30 20.58 -37.22
CA THR B 30 11.39 21.62 -34.26
CA ASN B 31 8.59 22.03 -31.83
CA TYR B 32 8.28 18.17 -31.80
CA LEU B 33 10.56 15.17 -31.10
CA ILE B 34 10.49 12.46 -33.94
CA GLN B 35 10.40 8.88 -32.48
CA TRP B 36 11.11 5.70 -34.43
CA ILE B 37 9.12 2.43 -33.60
CA LYS B 38 9.62 -1.15 -35.08
CA GLN B 39 6.88 -3.67 -35.66
CA ARG B 40 7.21 -7.33 -36.72
CA PRO B 41 4.31 -7.73 -38.66
CA GLY B 42 1.79 -9.68 -36.68
CA GLN B 43 3.00 -8.48 -33.30
CA GLY B 44 3.54 -5.56 -30.79
CA LEU B 45 5.46 -2.39 -31.42
CA GLU B 46 8.90 -1.61 -29.85
CA TRP B 47 10.74 1.64 -29.46
CA ILE B 48 13.87 2.21 -31.40
CA GLY B 49 14.99 5.83 -30.73
CA VAL B 50 14.46 9.58 -30.42
CA ILE B 51 15.84 12.50 -32.28
CA ASN B 52 15.25 16.13 -31.59
CA PRO B 53 15.62 17.75 -35.07
CA GLY B 54 16.40 21.30 -33.88
CA SER B 55 19.30 20.25 -31.55
CA GLY B 56 20.50 17.05 -33.17
CA GLY B 57 19.97 15.06 -29.93
CA THR B 58 19.57 11.31 -30.33
CA ASP B 59 18.63 8.68 -27.74
CA TYR B 60 18.16 4.90 -28.43
CA ASN B 61 16.86 1.70 -26.98
CA ALA B 62 19.85 -0.44 -25.86
CA ASN B 63 18.67 -3.21 -28.20
CA PHE B 64 19.31 -0.71 -31.02
CA LYS B 65 22.38 1.15 -29.86
CA GLY B 66 24.83 1.05 -32.70
CA LYS B 67 22.27 -0.64 -35.14
CA ALA B 68 20.04 2.44 -35.53
CA THR B 69 21.52 5.93 -36.14
CA LEU B 70 19.14 8.84 -36.39
CA THR B 71 20.12 12.10 -38.27
CA ALA B 72 18.01 15.10 -39.23
CA ASP B 73 18.05 17.59 -41.94
CA LYS B 74 17.01 21.02 -40.80
CA SER B 75 17.47 22.53 -44.25
CA SER B 76 14.56 20.49 -45.49
CA SER B 77 12.72 18.84 -42.64
CA ILE B 78 13.55 15.24 -43.05
CA VAL B 79 14.62 12.94 -40.25
CA TYR B 80 16.49 9.68 -41.06
CA MET B 81 17.10 6.33 -39.71
CA GLN B 82 20.19 4.39 -40.92
CA LEU B 83 19.88 0.68 -39.97
CA SER B 84 23.43 -0.76 -39.95
CA SER B 85 24.29 -4.42 -40.53
CA LEU B 86 21.15 -6.02 -41.66
CA THR B 87 19.82 -9.54 -41.01
CA SER B 88 16.57 -11.62 -41.38
CA ASP B 89 15.33 -10.21 -38.14
CA ASP B 90 15.19 -6.57 -39.31
CA SER B 91 12.42 -7.39 -41.72
CA ALA B 92 9.59 -5.44 -40.21
CA VAL B 93 7.41 -2.30 -40.58
CA TYR B 94 9.22 0.81 -39.12
CA PHE B 95 7.07 3.80 -38.24
CA CYS B 96 7.99 7.24 -36.90
CA ALA B 97 5.84 9.54 -34.94
CA ARG B 98 5.83 12.99 -33.59
CA ASP B 99 6.16 13.68 -29.81
CA PHE B 100 5.59 17.36 -28.64
CA TYR B 101 8.67 18.84 -26.98
CA ASP B 102 7.46 21.14 -24.23
CA TYR B 103 4.89 18.52 -23.08
CA ASP B 104 4.56 14.74 -23.50
CA VAL B 105 0.92 14.22 -24.53
CA GLY B 106 1.32 11.02 -26.59
CA PHE B 107 2.70 10.03 -29.98
CA ASP B 108 0.50 12.50 -31.80
CA TYR B 109 0.47 11.71 -35.61
CA TRP B 110 2.48 8.72 -37.15
CA GLY B 111 3.79 8.20 -40.72
CA GLN B 112 2.61 5.29 -42.96
CA GLY B 113 5.42 2.98 -42.03
CA THR B 114 8.30 1.87 -44.29
CA THR B 115 8.11 -1.94 -44.87
CA LEU B 116 11.70 -3.18 -45.03
CA THR B 117 12.25 -6.75 -46.44
CA VAL B 118 15.71 -8.12 -45.73
CA SER B 119 16.65 -10.93 -48.17
CA SER B 120 19.39 -12.20 -50.61
CA ALA B 121 16.78 -11.55 -53.24
CA LYS B 122 16.03 -11.39 -56.97
CA THR B 123 12.73 -10.26 -58.58
CA THR B 124 10.66 -13.48 -59.07
CA ALA B 125 7.36 -13.11 -60.97
CA PRO B 126 4.34 -14.94 -59.47
CA SER B 127 2.68 -18.00 -61.06
CA VAL B 128 -1.06 -17.52 -60.61
CA TYR B 129 -3.31 -20.62 -60.44
CA PRO B 130 -7.22 -20.67 -60.55
CA LEU B 131 -8.83 -22.10 -57.37
CA ALA B 132 -11.95 -23.90 -58.31
CA PRO B 133 -14.76 -25.18 -56.18
CA VAL B 134 -15.00 -28.82 -55.65
CA CYS B 135 -17.37 -31.27 -57.16
CA GLY B 136 -20.29 -31.77 -54.50
CA ASP B 137 -21.51 -28.13 -54.71
CA THR B 138 -23.35 -25.27 -56.70
CA THR B 139 -26.03 -25.24 -53.97
CA GLY B 140 -26.79 -24.71 -50.09
CA SER B 141 -26.81 -21.01 -49.99
CA SER B 142 -23.82 -19.04 -51.75
CA VAL B 143 -20.68 -20.10 -53.73
CA THR B 144 -16.95 -19.91 -52.84
CA LEU B 145 -13.79 -20.14 -55.00
CA GLY B 146 -10.43 -18.35 -55.26
CA CYS B 147 -6.97 -17.26 -56.36
CA LEU B 148 -3.62 -18.55 -55.45
CA VAL B 149 -0.68 -16.25 -56.18
CA LYS B 150 2.26 -18.37 -55.29
CA GLY B 151 5.97 -18.15 -55.63
CA TYR B 152 6.80 -14.37 -55.64
CA PHE B 153 9.26 -11.59 -54.58
CA PRO B 154 8.95 -8.64 -53.80
CA GLU B 155 5.57 -7.67 -52.31
CA PRO B 156 3.48 -5.85 -53.93
CA VAL B 157 1.13 -7.90 -55.99
CA THR B 158 -2.41 -6.77 -56.75
CA LEU B 159 -5.42 -9.06 -57.00
CA THR B 160 -8.68 -8.29 -58.49
CA TRP B 161 -11.93 -9.82 -59.28
CA ASN B 162 -13.62 -9.14 -62.53
CA SER B 163 -11.44 -6.14 -62.88
CA GLY B 164 -12.98 -4.39 -59.92
CA SER B 165 -16.65 -5.02 -60.71
CA LEU B 166 -16.62 -8.18 -58.62
CA SER B 167 -16.07 -5.99 -55.54
CA SER B 168 -18.45 -7.12 -52.79
CA GLY B 169 -17.62 -10.71 -51.55
CA VAL B 170 -13.80 -10.81 -51.75
CA HIS B 171 -11.28 -11.66 -49.07
CA THR B 172 -7.77 -10.98 -50.17
CA PHE B 173 -5.47 -12.42 -47.42
CA PRO B 174 -2.15 -10.79 -46.19
CA ALA B 175 0.46 -12.43 -48.25
CA VAL B 176 2.60 -14.81 -46.10
CA LEU B 177 6.35 -15.34 -46.80
CA GLN B 178 7.70 -19.08 -47.12
CA SER B 179 11.41 -19.47 -48.24
CA ASP B 180 12.43 -16.07 -49.34
CA LEU B 181 9.32 -15.92 -51.59
CA TYR B 182 5.65 -14.92 -50.97
CA THR B 183 2.31 -16.83 -51.19
CA LEU B 184 -0.67 -14.61 -51.55
CA SER B 185 -4.10 -16.12 -51.57
CA SER B 186 -7.62 -14.70 -52.06
CA SER B 187 -11.24 -15.82 -52.01
CA VAL B 188 -14.70 -14.82 -53.35
CA THR B 189 -18.21 -16.02 -52.52
CA VAL B 190 -20.47 -15.62 -55.52
CA THR B 191 -24.29 -16.55 -55.50
CA SER B 192 -24.83 -20.46 -55.65
CA SER B 193 -25.68 -20.09 -59.29
CA THR B 194 -24.00 -17.10 -60.97
CA TRP B 195 -20.37 -18.10 -61.41
CA PRO B 196 -20.95 -21.24 -63.66
CA SER B 197 -23.71 -19.22 -65.32
CA GLN B 198 -22.13 -15.93 -66.14
CA SER B 199 -18.39 -15.07 -65.34
CA ILE B 200 -15.37 -14.73 -63.03
CA THR B 201 -11.70 -13.86 -63.58
CA CYS B 202 -8.90 -13.32 -61.20
CA ASN B 203 -6.68 -10.44 -62.37
CA VAL B 204 -3.14 -10.20 -60.82
CA ALA B 205 -0.44 -7.66 -61.18
CA HIS B 206 3.05 -7.88 -60.01
CA PRO B 207 4.10 -4.34 -60.92
CA ALA B 208 7.74 -4.88 -59.80
CA SER B 209 8.38 -7.51 -62.61
CA SER B 210 5.80 -6.21 -65.08
CA THR B 211 3.95 -9.53 -64.95
CA LYS B 212 0.18 -9.27 -65.46
CA VAL B 213 -2.07 -12.43 -65.48
CA ASP B 214 -5.78 -12.98 -66.24
CA LYS B 215 -6.93 -16.35 -65.03
CA LYS B 216 -10.54 -17.45 -65.12
CA ILE B 217 -12.00 -19.71 -62.48
CA GLU B 218 -13.19 -22.61 -64.36
CA PRO B 219 -15.27 -25.60 -62.99
CA ARG B 220 -13.08 -28.75 -63.01
CA GLY C 1 26.09 38.63 28.26
CA SER C 2 25.93 35.18 29.86
CA SER C 3 23.22 32.86 31.26
CA SER C 4 24.50 29.94 33.39
CA THR C 5 22.60 26.63 33.78
CA ALA D 20 12.21 19.56 38.41
CA ALA D 21 13.04 15.83 37.97
CA THR D 22 15.08 15.82 34.81
CA SER D 23 15.71 13.18 32.13
CA ARG D 24 19.36 12.79 33.19
CA ASP D 25 18.72 12.37 36.94
CA ALA D 26 19.63 9.05 38.56
CA LEU D 27 16.72 6.70 39.16
CA PRO D 28 15.73 5.80 42.79
CA ASN D 29 17.96 3.94 45.14
CA THR D 30 17.06 0.45 46.20
CA GLU D 31 16.38 0.54 49.86
CA ALA D 32 17.36 -2.38 52.10
CA SER D 33 14.41 -4.40 53.34
CA GLY D 34 14.13 -7.38 55.63
CA PRO D 35 11.67 -10.22 56.47
CA THR D 36 7.96 -9.59 56.65
CA HIS D 37 4.85 -11.19 58.16
CA SER D 38 1.76 -8.85 58.00
CA LYS D 39 -1.66 -7.86 56.59
CA GLU D 40 -0.08 -5.61 53.98
CA ILE D 41 -0.47 -7.32 50.67
CA PRO D 42 1.58 -5.56 47.89
CA ALA D 43 1.81 -8.74 45.77
CA LEU D 44 -1.95 -9.22 45.57
CA THR D 45 -3.75 -6.90 43.16
CA ALA D 46 -6.57 -6.59 40.53
CA VAL D 47 -5.80 -5.60 36.90
CA GLU D 48 -9.48 -5.19 36.03
CA THR D 49 -9.20 -1.75 37.62
CA GLY D 50 -7.07 -0.66 34.68
CA ALA D 51 -4.04 0.16 36.83
CA THR D 52 -0.60 -1.47 36.93
CA ASN D 53 0.65 -2.47 40.40
CA PRO D 54 3.42 0.11 41.33
CA LEU D 55 5.79 -2.51 42.81
CA VAL D 56 9.51 -2.46 43.45
CA PRO D 57 11.74 -5.49 44.44
CA SER D 58 11.68 -4.64 48.20
CA ASP D 59 7.94 -5.40 48.10
CA THR D 60 8.29 -9.10 47.42
CA VAL D 61 11.90 -10.00 48.25
CA GLN D 62 14.56 -8.97 50.76
CA THR D 63 16.74 -6.25 49.38
CA ARG D 64 20.04 -4.61 50.06
CA HIS D 65 20.75 -0.94 49.84
CA VAL D 66 21.98 0.16 46.43
CA VAL D 67 22.94 3.68 45.38
CA GLN D 68 21.47 3.86 41.92
CA HIS D 69 23.39 5.78 39.22
CA ARG D 70 21.52 4.85 36.06
CA SER D 71 19.30 7.45 34.35
CA ARG D 72 16.59 7.60 31.64
CA SER D 73 18.44 10.33 29.68
CA GLU D 74 18.54 8.53 26.36
CA SER D 75 14.85 7.51 26.33
CA SER D 76 13.44 11.02 26.79
CA ILE D 77 11.09 11.81 23.82
CA GLU D 78 13.69 14.25 22.43
CA SER D 79 16.53 11.68 22.72
CA PHE D 80 14.41 8.86 21.26
CA PHE D 81 13.79 11.00 18.19
CA ALA D 82 17.10 12.92 17.93
CA ARG D 83 18.17 11.40 14.60
CA GLY D 84 17.79 12.21 10.87
CA ALA D 85 15.68 9.53 9.13
CA CYS D 86 15.46 9.04 5.30
CA VAL D 87 11.92 9.80 4.17
CA THR D 88 12.33 9.92 0.37
CA ILE D 89 14.64 9.51 -2.60
CA MET D 90 13.99 11.97 -5.42
CA THR D 91 15.28 11.34 -8.97
CA VAL D 92 16.33 14.00 -11.44
CA ASP D 93 18.50 14.17 -14.55
CA ASN D 94 19.99 16.45 -17.14
CA PRO D 95 19.76 14.73 -20.54
CA ALA D 96 20.04 16.32 -23.93
CA SER D 97 17.04 17.69 -25.59
CA THR D 98 15.79 14.19 -25.99
CA THR D 99 13.31 14.77 -23.08
CA ASN D 100 10.12 16.75 -22.83
CA LYS D 101 10.66 19.98 -20.57
CA ASP D 102 7.67 18.71 -18.86
CA LYS D 103 9.61 15.88 -17.36
CA LEU D 104 13.20 17.12 -16.24
CA PHE D 105 12.48 17.68 -12.50
CA ALA D 106 11.16 15.66 -9.45
CA VAL D 107 7.98 16.31 -7.42
CA TRP D 108 7.46 14.83 -3.95
CA LYS D 109 4.42 15.21 -1.63
CA ILE D 110 5.90 15.90 1.82
CA THR D 111 5.22 13.10 4.22
CA TYR D 112 6.95 10.78 6.67
CA LYS D 113 4.86 7.86 5.41
CA ASP D 114 6.77 6.87 2.26
CA THR D 115 9.34 5.06 4.36
CA VAL D 116 8.76 2.86 7.42
CA GLN D 117 11.22 3.47 10.24
CA LEU D 118 10.61 7.08 11.32
CA ARG D 119 6.87 6.40 10.67
CA ARG D 120 6.77 3.49 13.17
CA LYS D 121 8.59 5.61 15.78
CA LEU D 122 6.22 8.59 15.48
CA GLU D 123 3.22 6.29 15.56
CA PHE D 124 4.09 5.08 19.04
CA PHE D 125 2.10 8.28 19.70
CA THR D 126 -1.19 9.82 18.48
CA TYR D 127 -0.28 13.55 18.29
CA SER D 128 2.98 15.50 18.06
CA ARG D 129 4.53 18.95 17.95
CA PHE D 130 8.05 19.54 16.58
CA ASP D 131 10.33 21.75 14.58
CA MET D 132 11.47 20.00 11.46
CA GLU D 133 15.05 19.72 10.33
CA LEU D 134 15.55 18.64 6.75
CA THR D 135 18.94 17.55 5.50
CA PHE D 136 19.61 16.72 1.82
CA VAL D 137 22.18 14.23 0.51
CA VAL D 138 22.76 14.47 -3.22
CA THR D 139 24.55 11.90 -5.37
CA ALA D 140 25.07 11.76 -9.21
CA ASN D 141 26.21 9.23 -11.87
CA PHE D 142 26.76 8.63 -15.56
CA THR D 143 24.26 6.44 -17.31
CA GLU D 144 25.62 5.76 -20.76
CA THR D 145 28.91 3.92 -21.47
CA ASN D 146 30.03 7.11 -23.01
CA ASN D 147 33.39 8.56 -22.35
CA GLY D 148 31.97 12.02 -21.95
CA HIS D 149 31.53 14.59 -19.28
CA ALA D 150 29.44 16.93 -17.37
CA LEU D 151 30.60 19.75 -15.12
CA ASN D 152 29.57 20.38 -11.46
CA GLN D 153 25.83 20.62 -11.07
CA VAL D 154 23.64 22.99 -9.06
CA TYR D 155 20.28 21.66 -7.80
CA GLN D 156 17.22 23.77 -6.92
CA ILE D 157 15.06 22.25 -4.20
CA MET D 158 11.86 24.38 -4.28
CA TYR D 159 9.16 24.15 -1.64
CA VAL D 160 5.78 24.59 -3.32
CA PRO D 161 3.19 24.92 -0.50
CA PRO D 162 -0.51 24.05 -1.10
CA GLY D 163 -1.87 26.51 -3.59
CA ALA D 164 1.31 27.78 -5.23
CA PRO D 165 1.88 26.80 -8.90
CA VAL D 166 3.59 23.41 -9.34
CA PRO D 167 6.33 23.27 -12.01
CA GLU D 168 5.22 21.73 -15.27
CA LYS D 169 8.69 21.98 -16.90
CA TRP D 170 12.27 22.02 -15.58
CA ASP D 171 12.64 25.59 -16.77
CA ASP D 172 9.21 27.21 -16.56
CA TYR D 173 8.35 30.46 -14.65
CA THR D 174 7.66 28.80 -11.27
CA TRP D 175 11.40 28.23 -10.57
CA GLN D 176 11.70 32.06 -10.20
CA THR D 177 10.70 31.49 -6.57
CA SER D 178 9.82 35.05 -5.57
CA SER D 179 7.96 33.82 -2.49
CA ASN D 180 8.47 30.03 -2.17
CA PRO D 181 11.63 29.04 -0.22
CA SER D 182 14.33 27.46 -2.46
CA ILE D 183 17.74 25.90 -1.82
CA PHE D 184 20.31 26.08 -4.55
CA TYR D 185 22.61 23.20 -3.59
CA THR D 186 26.09 22.85 -5.22
CA TYR D 187 27.22 19.26 -6.00
CA GLY D 188 29.93 17.84 -3.78
CA THR D 189 29.53 20.47 -1.07
CA ALA D 190 28.33 19.63 2.48
CA PRO D 191 24.72 18.30 2.40
CA ALA D 192 22.10 21.00 2.41
CA ARG D 193 20.02 21.68 5.59
CA ILE D 194 17.09 23.88 6.66
CA SER D 195 14.78 24.17 9.61
CA VAL D 196 11.06 24.79 9.71
CA PRO D 197 8.94 25.67 12.82
CA TYR D 198 5.80 23.74 13.96
CA VAL D 199 3.67 24.54 10.88
CA GLY D 200 0.46 22.51 11.43
CA ILE D 201 -2.98 24.19 11.09
CA SER D 202 -4.03 22.38 14.26
CA ASN D 203 -2.47 22.60 17.77
CA ALA D 204 -0.58 19.39 17.11
CA TYR D 205 0.23 17.15 14.16
CA SER D 206 -2.25 14.24 14.08
CA HIS D 207 -0.54 10.90 13.38
CA PHE D 208 -4.08 9.40 13.17
CA TYR D 209 -7.37 11.03 12.09
CA ASP D 210 -10.43 8.75 12.65
CA GLY D 211 -12.61 10.69 10.22
CA PHE D 212 -13.44 12.12 6.80
CA SER D 213 -12.95 15.56 5.26
CA LYS D 214 -16.53 15.46 3.89
CA VAL D 215 -19.98 14.72 5.33
CA PRO D 216 -22.06 12.86 2.66
CA LEU D 217 -25.40 14.66 2.59
CA LYS D 218 -28.59 12.76 1.59
CA ASP D 219 -29.70 15.60 -0.61
CA GLN D 220 -26.49 15.31 -2.69
CA SER D 221 -25.06 12.41 -4.81
CA ALA D 222 -22.89 9.79 -3.17
CA ALA D 223 -19.97 10.70 -5.42
CA LEU D 224 -20.27 14.28 -4.41
CA GLY D 225 -20.18 13.52 -0.69
CA ASP D 226 -17.34 11.06 -0.87
CA SER D 227 -13.88 11.27 0.63
CA LEU D 228 -11.05 9.05 1.84
CA TYR D 229 -11.17 7.40 5.21
CA GLY D 230 -8.73 9.00 7.62
CA ALA D 231 -7.57 11.67 5.19
CA ALA D 232 -7.82 15.34 6.19
CA SER D 233 -6.40 17.98 3.75
CA LEU D 234 -5.59 16.34 0.25
CA ASN D 235 -2.43 18.42 0.06
CA ASP D 236 -1.49 18.47 3.71
CA PHE D 237 1.96 20.12 3.41
CA GLY D 238 2.62 20.76 -0.29
CA ILE D 239 5.50 19.46 -2.34
CA LEU D 240 9.22 19.55 -2.86
CA ALA D 241 10.21 20.15 -6.53
CA VAL D 242 13.83 19.43 -7.47
CA ARG D 243 15.70 20.21 -10.71
CA VAL D 244 19.23 20.31 -12.14
CA VAL D 245 19.73 24.03 -12.95
CA ASN D 246 22.48 23.39 -15.53
CA ASP D 247 21.39 23.22 -19.16
CA HIS D 248 21.34 19.98 -21.12
CA ASN D 249 24.64 18.31 -21.47
CA PRO D 250 25.71 15.88 -24.35
CA THR D 251 26.45 13.17 -21.79
CA LYS D 252 23.46 12.37 -19.59
CA VAL D 253 23.82 12.50 -15.81
CA THR D 254 21.33 11.14 -13.30
CA SER D 255 21.03 12.25 -9.71
CA LYS D 256 19.28 11.33 -6.54
CA ILE D 257 18.35 13.62 -3.68
CA ARG D 258 17.92 11.72 -0.43
CA VAL D 259 15.82 13.64 2.14
CA TYR D 260 16.44 13.22 5.89
CA LEU D 261 13.94 14.25 8.51
CA LYS D 262 14.70 15.01 12.17
CA PRO D 263 11.99 16.12 14.62
CA LYS D 264 13.67 18.68 16.95
CA HIS D 265 12.00 20.27 20.01
CA ILE D 266 9.42 17.55 20.14
CA ARG D 267 6.35 16.92 22.23
CA VAL D 268 4.10 13.83 22.01
CA TRP D 269 0.68 12.83 23.28
CA CYS D 270 -1.44 9.64 23.74
CA PRO D 271 0.74 6.49 23.50
CA ARG D 272 -0.11 3.69 21.02
CA PRO D 273 0.93 0.08 20.39
CA PRO D 274 3.59 0.10 17.60
CA ARG D 275 2.87 -1.16 14.08
CA ALA D 276 2.93 -4.97 14.29
CA VAL D 277 2.30 -6.04 10.70
CA ALA D 278 3.72 -4.47 7.51
CA TYR D 279 2.57 -1.01 6.41
CA TYR D 280 0.18 -1.05 3.47
CA GLY D 281 -0.50 2.50 2.24
CA PRO D 282 -0.65 5.79 4.30
CA GLY D 283 -3.56 4.52 6.41
CA VAL D 284 -3.75 1.74 9.04
CA ASP D 285 -4.62 -0.87 6.40
CA TYR D 286 -3.08 -4.29 6.14
CA LYS D 287 -2.46 -6.71 3.40
CA ASP D 288 -3.47 -10.33 3.32
CA GLY D 289 -0.58 -12.67 3.85
CA THR D 290 1.35 -10.30 6.16
CA LEU D 291 -0.67 -10.86 9.37
CA THR D 292 1.39 -13.46 11.18
CA PRO D 293 4.22 -11.58 13.03
CA LEU D 294 4.60 -14.01 15.92
CA SER D 295 6.59 -17.22 15.64
CA THR D 296 6.20 -20.76 16.99
CA LYS D 297 7.28 -21.29 20.56
CA ASP D 298 6.08 -24.01 22.98
CA LEU D 299 4.40 -22.89 26.28
CA THR D 300 6.76 -24.90 28.50
CA THR D 301 9.95 -24.34 26.48
CA TYR D 302 12.54 -21.78 27.61
CA GLU E 5 -14.78 2.91 54.99
CA ALA E 6 -15.87 1.75 58.55
CA CYS E 7 -19.20 3.35 57.58
CA GLY E 8 -19.34 0.75 54.65
CA TYR E 9 -17.97 2.66 51.56
CA SER E 10 -16.56 0.45 48.85
CA ASP E 11 -14.52 0.55 45.70
CA ARG E 12 -16.92 -1.95 44.29
CA VAL E 13 -20.13 -0.12 45.09
CA LEU E 14 -20.66 3.09 43.12
CA GLN E 15 -23.43 5.48 42.15
CA LEU E 16 -22.98 7.88 39.22
CA THR E 17 -25.56 10.66 38.62
CA LEU E 18 -25.71 12.86 35.52
CA GLY E 19 -28.83 14.88 34.54
CA ASN E 20 -32.04 12.95 35.30
CA SER E 21 -30.11 9.68 35.41
CA THR E 22 -28.50 7.40 37.92
CA ILE E 23 -26.37 4.23 37.63
CA THR E 24 -25.78 1.99 40.61
CA THR E 25 -23.27 -0.83 40.77
CA GLN E 26 -22.32 -3.30 43.52
CA GLU E 27 -19.49 -5.10 41.65
CA ALA E 28 -17.28 -2.40 40.22
CA ALA E 29 -13.46 -2.51 40.01
CA ASN E 30 -13.04 1.18 40.82
CA SER E 31 -13.34 3.49 37.78
CA VAL E 32 -10.88 5.02 35.28
CA VAL E 33 -10.23 8.66 34.40
CA ALA E 34 -8.43 8.60 31.10
CA TYR E 35 -5.01 10.17 31.25
CA GLY E 36 -5.96 11.45 34.69
CA ARG E 37 -7.96 14.25 32.98
CA TRP E 38 -11.56 14.91 33.96
CA PRO E 39 -13.70 16.49 31.18
CA GLU E 40 -13.82 20.26 31.01
CA TYR E 41 -15.39 23.10 28.97
CA LEU E 42 -13.20 24.99 26.53
CA ARG E 43 -11.14 27.67 28.28
CA ASP E 44 -10.86 31.22 26.85
CA SER E 45 -7.09 30.81 26.54
CA GLU E 46 -7.56 27.81 24.28
CA ALA E 47 -10.72 29.02 22.47
CA ASN E 48 -10.94 29.27 18.69
CA PRO E 49 -14.47 29.82 17.05
CA VAL E 50 -15.57 33.28 18.38
CA ASP E 51 -19.34 32.93 18.49
CA GLN E 52 -21.20 32.26 21.73
CA PRO E 53 -21.24 28.49 22.38
CA THR E 54 -24.34 26.53 23.26
CA GLU E 55 -23.97 24.39 26.37
CA PRO E 56 -27.12 22.20 26.58
CA ASP E 57 -25.94 20.84 29.94
CA VAL E 58 -28.43 18.29 31.59
CA ALA E 59 -30.45 17.89 28.38
CA ALA E 60 -27.42 16.36 26.65
CA CYS E 61 -25.18 15.32 29.57
CA ARG E 62 -27.05 12.29 30.78
CA PHE E 63 -26.85 8.48 30.45
CA TYR E 64 -27.96 7.15 27.06
CA THR E 65 -28.30 3.34 26.87
CA LEU E 66 -27.39 1.81 23.54
CA ASP E 67 -28.73 -1.45 22.02
CA THR E 68 -27.77 -4.53 24.02
CA VAL E 69 -25.55 -7.09 22.31
CA SER E 70 -24.99 -10.72 23.19
CA TRP E 71 -21.70 -12.37 24.28
CA THR E 72 -21.30 -16.00 23.25
CA LYS E 73 -18.45 -18.56 22.89
CA GLU E 74 -18.09 -17.41 19.30
CA SER E 75 -17.97 -13.65 19.93
CA ARG E 76 -14.84 -12.05 18.58
CA GLY E 77 -15.45 -8.53 19.82
CA TRP E 78 -17.35 -5.28 19.29
CA TRP E 79 -16.62 -1.63 18.57
CA TRP E 80 -18.30 1.81 18.58
CA LYS E 81 -17.09 5.32 17.78
CA LEU E 82 -17.79 8.58 19.67
CA PRO E 83 -19.58 10.76 19.02
CA ASP E 84 -21.05 8.51 16.26
CA ALA E 85 -22.64 5.97 18.59
CA LEU E 86 -24.62 8.80 20.19
CA ARG E 87 -25.68 10.71 17.02
CA ASP E 88 -29.31 9.77 17.48
CA MET E 89 -29.59 10.19 21.20
CA GLY E 90 -32.03 12.88 22.33
CA LEU E 91 -30.97 16.51 22.43
CA PHE E 92 -27.25 15.54 22.23
CA GLY E 93 -27.59 14.25 18.66
CA GLN E 94 -29.71 17.26 17.78
CA ASN E 95 -27.13 19.66 19.09
CA MET E 96 -24.56 17.71 17.09
CA TYR E 97 -26.33 17.89 13.70
CA TYR E 98 -27.35 21.58 14.10
CA HIS E 99 -23.84 22.93 14.61
CA TYR E 100 -20.69 22.98 12.47
CA LEU E 101 -18.60 22.35 15.53
CA GLY E 102 -18.89 20.50 18.80
CA ARG E 103 -16.72 18.98 21.58
CA SER E 104 -17.55 16.57 24.38
CA GLY E 105 -16.18 14.31 27.05
CA TYR E 106 -18.00 11.10 28.12
CA THR E 107 -18.65 8.72 31.01
CA VAL E 108 -18.71 5.21 29.50
CA HIS E 109 -20.38 2.52 31.57
CA VAL E 110 -20.21 -1.00 30.14
CA GLN E 111 -22.52 -3.51 31.87
CA CYS E 112 -22.24 -7.31 32.03
CA ASN E 113 -23.35 -9.56 34.90
CA ALA E 114 -23.37 -13.39 35.08
CA SER E 115 -23.00 -15.75 38.11
CA LYS E 116 -20.32 -17.17 40.40
CA PHE E 117 -20.34 -20.23 38.19
CA HIS E 118 -19.69 -18.47 34.87
CA GLN E 119 -16.35 -17.23 33.62
CA GLY E 120 -14.78 -14.99 31.09
CA ALA E 121 -13.06 -11.67 30.69
CA LEU E 122 -13.81 -8.62 28.48
CA GLY E 123 -11.10 -6.05 27.76
CA VAL E 124 -12.81 -2.64 27.51
CA PHE E 125 -10.59 -0.14 25.73
CA ALA E 126 -11.03 3.63 25.08
CA VAL E 127 -8.84 4.52 22.08
CA PRO E 128 -8.25 8.16 20.86
CA GLU E 129 -8.48 8.36 17.01
CA MET E 130 -9.35 4.69 16.64
CA CYS E 131 -8.63 4.34 12.91
CA LEU E 132 -9.68 0.86 11.75
CA ALA E 133 -8.36 -1.08 8.70
CA GLY E 134 -10.35 -1.65 5.53
CA ASP E 135 -11.51 -4.83 3.80
CA SER E 136 -9.53 -4.25 0.63
CA ASN E 137 -6.26 -5.28 -0.90
CA THR E 138 -6.79 -3.33 -4.08
CA THR E 139 -7.52 0.11 -2.47
CA THR E 140 -6.33 1.53 0.83
CA MET E 141 -8.33 4.12 2.87
CA HIS E 142 -11.53 3.34 1.12
CA THR E 143 -13.99 2.45 3.93
CA SER E 144 -17.07 4.52 3.09
CA TYR E 145 -18.53 7.07 5.55
CA GLN E 146 -21.65 4.96 6.00
CA ASN E 147 -19.66 1.86 6.94
CA ALA E 148 -17.18 3.74 9.15
CA ASN E 149 -20.17 5.10 11.04
CA PRO E 150 -22.54 2.29 12.19
CA GLY E 151 -24.25 4.59 14.71
CA GLU E 152 -25.39 2.88 17.96
CA LYS E 153 -25.31 -0.71 16.62
CA GLY E 154 -21.55 -0.51 16.40
CA GLY E 155 -19.43 -2.98 14.53
CA THR E 156 -17.60 -6.18 15.29
CA PHE E 157 -14.14 -7.61 15.22
CA THR E 158 -13.23 -10.72 13.23
CA GLY E 159 -10.69 -13.48 13.85
CA THR E 160 -9.95 -13.68 10.12
CA PHE E 161 -9.01 -11.23 7.38
CA THR E 162 -11.28 -11.97 4.35
CA PRO E 163 -10.35 -9.36 1.63
CA ASP E 164 -13.18 -7.96 -0.49
CA ASN E 165 -12.77 -9.28 -3.97
CA ASN E 166 -15.81 -7.64 -5.67
CA GLN E 167 -14.01 -5.03 -7.65
CA THR E 168 -17.13 -3.98 -9.50
CA SER E 169 -18.99 -2.94 -6.39
CA PRO E 170 -16.68 -3.07 -3.38
CA ALA E 171 -18.06 -3.64 0.14
CA ARG E 172 -16.12 -0.60 1.29
CA ARG E 173 -16.18 -1.52 4.87
CA PHE E 174 -13.75 -2.25 7.69
CA CYS E 175 -12.26 -5.64 8.32
CA PRO E 176 -10.98 -5.28 11.91
CA VAL E 177 -8.95 -8.35 12.87
CA ASP E 178 -9.08 -8.96 16.60
CA TYR E 179 -5.46 -9.92 17.67
CA LEU E 180 -4.46 -6.94 15.60
CA LEU E 181 -6.85 -4.50 17.41
CA GLY E 182 -8.44 -3.89 14.03
CA ASN E 183 -5.57 -1.53 13.13
CA GLY E 184 -2.41 -3.55 12.46
CA THR E 185 -1.00 -3.45 16.02
CA LEU E 186 -1.05 -6.27 18.61
CA LEU E 187 -4.03 -6.49 21.00
CA GLY E 188 -1.79 -7.41 23.97
CA ASN E 189 -0.59 -3.82 23.92
CA ALA E 190 -4.00 -2.08 23.86
CA PHE E 191 -3.66 -1.81 27.65
CA VAL E 192 -1.52 1.34 27.09
CA PHE E 193 -4.88 2.93 26.16
CA PRO E 194 -7.27 3.83 29.05
CA HIS E 195 -9.07 0.61 29.98
CA GLN E 196 -10.73 -1.67 32.45
CA ILE E 197 -11.32 -5.45 32.30
CA ILE E 198 -14.75 -7.06 33.05
CA ASN E 199 -13.56 -10.40 34.52
CA LEU E 200 -16.80 -12.13 35.55
CA ARG E 201 -15.57 -13.46 38.89
CA THR E 202 -14.39 -9.96 40.00
CA ASN E 203 -16.63 -7.27 38.54
CA ASN E 204 -19.75 -6.81 36.38
CA CYS E 205 -18.92 -3.45 34.80
CA ALA E 206 -16.35 -1.10 33.38
CA THR E 207 -16.39 2.64 33.84
CA LEU E 208 -14.29 4.99 31.84
CA VAL E 209 -14.44 8.77 32.24
CA LEU E 210 -13.11 10.25 28.97
CA PRO E 211 -11.93 13.90 28.39
CA TYR E 212 -12.28 15.52 25.02
CA VAL E 213 -9.04 14.52 23.23
CA ASN E 214 -8.07 15.97 19.86
CA SER E 215 -5.25 17.90 18.11
CA LEU E 216 -7.79 20.86 18.15
CA SER E 217 -9.97 22.64 20.79
CA ILE E 218 -13.18 21.96 18.87
CA ASP E 219 -13.96 20.12 15.59
CA SER E 220 -16.67 18.66 13.24
CA MET E 221 -18.43 15.91 15.23
CA VAL E 222 -20.16 14.76 12.05
CA LYS E 223 -16.87 14.31 10.12
CA HIS E 224 -14.63 13.04 12.90
CA ASN E 225 -14.74 10.62 15.79
CA ASN E 226 -12.58 11.44 18.79
CA TRP E 227 -12.71 8.16 20.65
CA GLY E 228 -13.28 4.52 19.81
CA ILE E 229 -14.73 2.09 22.34
CA ALA E 230 -13.42 -1.42 21.67
CA ILE E 231 -14.62 -4.44 23.63
CA LEU E 232 -12.88 -7.83 23.14
CA PRO E 233 -13.02 -11.22 24.98
CA LEU E 234 -9.63 -11.67 26.59
CA ALA E 235 -10.78 -14.92 28.10
CA PRO E 236 -13.81 -16.65 26.45
CA LEU E 237 -17.26 -16.99 27.89
CA ASN E 238 -17.84 -20.19 29.77
CA PHE E 239 -20.51 -21.59 32.03
CA ALA E 240 -21.15 -24.81 33.98
CA SER E 241 -20.63 -27.35 31.19
CA GLU E 242 -22.93 -25.64 28.70
CA SER E 243 -21.79 -25.52 25.15
CA SER E 244 -23.73 -22.41 24.11
CA PRO E 245 -23.67 -19.95 27.04
CA GLU E 246 -24.83 -16.41 26.40
CA ILE E 247 -24.77 -13.32 28.62
CA PRO E 248 -25.83 -9.81 27.50
CA ILE E 249 -23.53 -6.78 27.29
CA THR E 250 -25.10 -3.35 27.66
CA LEU E 251 -23.45 -0.01 26.85
CA THR E 252 -24.61 3.23 28.60
CA ILE E 253 -22.73 6.44 27.69
CA ALA E 254 -23.18 10.01 28.96
CA PRO E 255 -21.76 13.12 27.23
CA MET E 256 -20.02 15.56 29.59
CA CYS E 257 -19.05 19.30 29.41
CA CYS E 258 -20.17 19.43 25.81
CA GLU E 259 -20.37 22.64 23.82
CA PHE E 260 -21.22 23.53 20.28
CA ASN E 261 -20.36 26.29 17.84
CA GLY E 262 -21.34 27.32 14.29
CA LEU E 263 -25.17 27.08 14.38
CA ARG E 264 -26.98 26.79 11.00
CA ASN E 265 -29.72 24.54 9.48
CA ILE E 266 -29.53 20.85 10.47
CA THR E 267 -27.13 18.39 8.89
CA LEU E 268 -28.94 15.51 7.17
CA PRO E 269 -26.26 12.88 6.45
CA ARG E 270 -26.33 9.98 3.99
CA LEU E 271 -26.06 7.08 6.42
CA GLN E 272 -27.11 4.14 4.37
CA GLY F 1 38.95 37.59 7.41
CA LEU F 2 39.36 35.85 10.88
CA PRO F 3 42.09 33.16 10.43
CA VAL F 4 40.49 29.69 10.71
CA MET F 5 41.60 26.05 10.20
CA ASN F 6 39.20 23.38 9.12
CA THR F 7 39.43 20.34 11.51
CA PRO F 8 38.47 16.69 10.69
CA GLY F 9 34.74 16.05 10.57
CA SER F 10 34.34 19.16 8.36
CA ASN F 11 31.47 19.01 5.87
CA GLN F 12 30.28 15.56 7.09
CA TYR F 13 26.68 14.77 7.77
CA LEU F 14 26.20 12.77 10.99
CA THR F 15 22.51 11.79 11.43
CA ALA F 16 22.85 12.06 15.18
CA ASP F 17 24.33 15.62 15.13
CA ASN F 18 22.78 18.60 16.95
CA PHE F 19 23.51 21.84 15.12
CA GLN F 20 21.65 25.02 14.22
CA SER F 21 20.43 25.78 10.71
CA PRO F 22 18.58 28.51 8.73
CA CYS F 23 14.82 28.65 9.00
CA ALA F 24 13.10 28.29 5.62
CA LEU F 25 9.94 29.99 6.91
CA PRO F 26 11.04 33.19 8.75
CA GLU F 27 8.51 35.01 11.00
CA PHE F 28 5.95 32.21 10.58
CA ASP F 29 3.05 32.58 13.00
CA VAL F 30 3.14 29.32 14.98
CA THR F 31 -0.12 27.88 16.36
CA PRO F 32 0.16 27.72 20.16
CA PRO F 33 -0.10 24.34 21.97
CA ILE F 34 -3.26 23.41 23.88
CA ASP F 35 -3.28 21.04 26.90
CA ILE F 36 -3.95 17.76 25.19
CA PRO F 37 -4.38 14.92 27.72
CA GLY F 38 -1.88 12.02 27.58
CA GLU F 39 1.43 13.85 27.15
CA VAL F 40 4.43 11.56 27.39
CA LYS F 41 7.91 12.77 28.39
CA ASN F 42 10.03 9.57 28.40
CA MET F 43 9.65 6.17 26.61
CA MET F 44 10.17 4.31 29.92
CA GLU F 45 6.81 5.67 31.12
CA LEU F 46 5.31 3.39 28.45
CA ALA F 47 7.40 0.42 29.58
CA GLU F 48 5.97 0.72 33.13
CA ILE F 49 2.43 0.07 31.87
CA ASP F 50 1.18 -3.55 32.00
CA THR F 51 0.70 -5.13 28.55
CA MET F 52 -0.43 -8.78 28.03
CA ILE F 53 2.00 -11.66 27.19
CA PRO F 54 1.42 -13.93 24.12
CA PHE F 55 2.53 -16.96 26.20
CA ASP F 56 1.19 -19.76 24.09
CA LEU F 57 2.88 -19.43 20.74
CA SER F 58 2.09 -22.97 19.61
CA ALA F 59 1.75 -23.43 15.80
CA THR F 60 -2.01 -23.39 16.03
CA LYS F 61 -2.41 -20.77 18.76
CA LYS F 62 0.13 -18.21 17.49
CA ASN F 63 -1.05 -15.05 15.67
CA THR F 64 -4.50 -15.67 17.04
CA MET F 65 -6.21 -14.45 20.23
CA GLU F 66 -5.51 -17.83 21.84
CA MET F 67 -1.81 -17.07 22.28
CA TYR F 68 -2.68 -14.84 25.22
CA ARG F 69 -4.49 -17.58 27.16
CA VAL F 70 -2.72 -19.96 29.52
CA ARG F 71 -5.00 -22.91 30.11
CA LEU F 72 -5.25 -24.36 33.55
CA SER F 73 -7.41 -27.21 34.78
CA ASP F 74 -8.58 -28.84 38.02
CA LYS F 75 -6.42 -31.94 37.48
CA PRO F 76 -4.53 -33.58 40.37
CA HIS F 77 -1.39 -31.99 41.64
CA THR F 78 1.68 -32.23 39.54
CA ASP F 79 5.18 -30.71 39.85
CA ASP F 80 5.30 -30.06 36.17
CA PRO F 81 5.44 -26.52 34.75
CA ILE F 82 2.34 -24.62 33.59
CA LEU F 83 4.68 -22.41 31.49
CA CYS F 84 8.42 -21.78 30.95
CA LEU F 85 9.90 -18.48 29.79
CA SER F 86 13.36 -17.02 29.24
CA LEU F 87 14.17 -13.62 30.86
CA SER F 88 15.28 -12.01 27.62
CA PRO F 89 12.69 -9.22 27.43
CA ALA F 90 13.71 -7.96 23.93
CA SER F 91 14.33 -11.33 22.23
CA ASP F 92 12.28 -14.16 23.79
CA PRO F 93 9.36 -14.40 21.25
CA ARG F 94 6.83 -14.23 24.06
CA LEU F 95 8.18 -10.95 25.41
CA SER F 96 9.66 -9.18 22.35
CA HIS F 97 6.23 -8.01 21.17
CA THR F 98 4.92 -6.65 24.44
CA MET F 99 5.07 -2.83 24.77
CA LEU F 100 8.22 -3.21 26.91
CA GLY F 101 9.69 -5.64 24.34
CA GLU F 102 8.97 -3.26 21.48
CA ILE F 103 10.64 -0.25 23.11
CA LEU F 104 13.61 -2.40 24.06
CA ASN F 105 14.15 -3.23 20.36
CA TYR F 106 14.98 0.44 19.73
CA TYR F 107 17.79 0.25 22.31
CA THR F 108 20.95 -1.96 22.59
CA HIS F 109 21.02 -2.20 26.40
CA TRP F 110 18.56 -2.63 29.28
CA ALA F 111 18.81 -2.66 33.08
CA GLY F 112 16.49 -2.68 36.09
CA SER F 113 13.73 -4.65 37.74
CA LEU F 114 10.63 -6.01 35.97
CA LYS F 115 7.39 -7.48 37.18
CA PHE F 116 4.99 -10.17 36.07
CA THR F 117 1.33 -9.98 37.10
CA PHE F 118 -1.12 -12.85 36.46
CA LEU F 119 -4.95 -12.55 36.17
CA PHE F 120 -7.13 -15.56 37.07
CA CYS F 121 -10.10 -15.75 34.71
CA GLY F 122 -11.90 -18.88 36.01
CA SER F 123 -15.18 -18.69 37.97
CA MET F 124 -15.66 -17.24 41.50
CA MET F 125 -16.20 -20.82 42.73
CA ALA F 126 -12.74 -21.88 41.49
CA THR F 127 -9.92 -21.91 44.04
CA GLY F 128 -6.19 -22.55 43.76
CA LYS F 129 -2.66 -21.95 44.93
CA LEU F 130 0.03 -21.46 42.20
CA LEU F 131 3.82 -20.93 42.47
CA VAL F 132 5.35 -18.22 40.24
CA SER F 133 9.13 -18.44 39.89
CA TYR F 134 12.27 -16.58 38.87
CA ALA F 135 15.55 -18.42 38.82
CA PRO F 136 18.60 -16.22 38.05
CA PRO F 137 20.95 -17.74 35.42
CA GLY F 138 23.70 -20.32 35.69
CA ALA F 139 22.02 -23.62 36.62
CA ASP F 140 19.58 -26.08 35.05
CA PRO F 141 16.42 -24.22 33.99
CA PRO F 142 13.70 -25.33 36.37
CA LYS F 143 11.45 -28.04 35.10
CA LYS F 144 10.15 -29.18 38.43
CA ARG F 145 8.61 -27.19 41.37
CA LYS F 146 11.47 -28.60 43.48
CA GLU F 147 13.93 -26.47 41.58
CA ALA F 148 11.81 -23.42 40.96
CA MET F 149 10.97 -23.14 44.69
CA LEU F 150 14.65 -22.56 45.43
CA GLY F 151 14.82 -19.34 43.47
CA THR F 152 12.96 -16.01 43.81
CA HIS F 153 9.22 -16.79 43.96
CA VAL F 154 5.64 -15.92 44.97
CA ILE F 155 3.00 -18.46 46.11
CA TRP F 156 -0.23 -17.04 44.79
CA ASP F 157 -3.46 -17.79 46.62
CA ILE F 158 -6.46 -17.34 44.28
CA GLY F 159 -9.40 -15.30 45.70
CA LEU F 160 -11.02 -11.84 45.65
CA GLN F 161 -7.86 -9.96 44.70
CA SER F 162 -7.96 -11.39 41.23
CA SER F 163 -4.36 -10.90 40.31
CA CYS F 164 -0.91 -11.55 41.77
CA THR F 165 2.47 -9.89 41.00
CA MET F 166 5.97 -11.35 41.04
CA VAL F 167 8.83 -8.84 40.86
CA VAL F 168 11.88 -10.02 38.90
CA PRO F 169 14.57 -7.98 40.82
CA TRP F 170 17.55 -6.63 38.90
CA ILE F 171 20.10 -9.42 39.38
CA SER F 172 22.86 -9.29 36.83
CA ASN F 173 26.68 -9.50 36.57
CA THR F 174 26.79 -6.73 33.97
CA THR F 175 25.56 -3.21 34.64
CA TYR F 176 23.38 -3.41 31.51
CA ARG F 177 22.17 -6.48 29.49
CA GLN F 178 22.04 -6.80 25.71
CA THR F 179 18.68 -6.62 23.92
CA ILE F 180 19.46 -9.78 21.97
CA ASP F 181 19.94 -13.40 22.97
CA ASP F 182 23.29 -13.46 24.64
CA SER F 183 24.76 -16.00 27.04
CA PHE F 184 27.05 -13.48 28.71
CA THR F 185 24.12 -11.23 29.62
CA GLU F 186 21.48 -13.92 30.11
CA GLY F 187 18.69 -13.13 32.56
CA GLY F 188 17.44 -16.49 33.90
CA TYR F 189 14.12 -18.32 34.01
CA ILE F 190 10.52 -17.37 34.59
CA SER F 191 8.13 -20.24 35.35
CA VAL F 192 4.76 -21.12 36.88
CA PHE F 193 3.64 -24.31 38.72
CA TYR F 194 0.63 -25.68 40.57
CA GLN F 195 1.25 -25.27 44.37
CA THR F 196 -1.81 -27.25 45.39
CA ARG F 197 -4.31 -27.65 42.45
CA ILE F 198 -7.31 -25.79 40.98
CA VAL F 199 -10.38 -27.07 42.77
CA VAL F 200 -13.93 -26.42 41.63
CA PRO F 201 -17.35 -27.63 42.93
CA LEU F 202 -19.90 -29.35 40.59
CA SER F 203 -21.81 -27.35 37.88
CA THR F 204 -18.54 -25.39 37.36
CA PRO F 205 -16.06 -25.26 34.43
CA ARG F 206 -13.05 -27.42 35.11
CA GLU F 207 -10.78 -25.47 32.89
CA MET F 208 -9.98 -21.80 32.61
CA ASP F 209 -7.44 -19.27 31.64
CA ILE F 210 -5.01 -17.09 33.35
CA LEU F 211 -3.68 -14.01 31.64
CA GLY F 212 -0.17 -12.66 32.21
CA PHE F 213 1.26 -9.12 32.04
CA VAL F 214 4.72 -7.51 32.11
CA SER F 215 5.96 -4.09 32.95
CA ALA F 216 9.03 -2.25 34.14
CA CYS F 217 9.76 -1.02 37.66
CA ASN F 218 10.81 2.63 38.43
CA ASP F 219 14.52 1.58 38.46
CA PHE F 220 14.39 0.40 34.87
CA SER F 221 16.35 2.07 32.07
CA VAL F 222 17.61 1.59 28.50
CA ARG F 223 20.47 3.08 26.37
CA LEU F 224 22.27 3.12 22.98
CA LEU F 225 19.49 3.93 20.54
CA ARG F 226 19.18 1.53 17.52
CA ASP F 227 16.92 0.54 14.66
CA THR F 228 14.47 -2.28 15.33
CA THR F 229 14.13 -5.59 13.49
CA HIS F 230 10.38 -5.48 14.12
CA ILE F 231 9.58 -3.56 10.92
CA GLU F 232 10.93 -3.57 7.43
CA GLN F 233 10.40 -2.24 3.96
CA LYS F 234 11.39 -4.82 1.44
CA ALA F 235 11.34 -3.12 -1.92
CA GLY G 1 23.88 36.32 24.87
CA ALA G 2 25.95 33.17 25.64
CA GLN G 3 24.26 30.31 27.47
CA VAL G 4 26.56 28.22 29.73
CA SER G 5 25.47 24.85 31.05
CA SER G 6 27.06 21.81 32.65
CA GLN G 7 27.77 18.60 30.96
CA LYS G 8 27.07 15.34 32.88
CA VAL G 9 30.65 13.88 32.57
CA GLY G 10 30.67 10.08 31.98
CA ALA G 11 34.34 8.88 31.58
CA HIS G 12 36.90 11.11 33.31
CA GLU G 13 40.48 11.90 32.14
CA SER G 22 35.05 20.17 39.24
CA THR G 23 32.09 20.76 36.82
CA ILE G 24 32.73 20.87 33.05
CA ASN G 25 30.62 23.38 31.17
CA TYR G 26 29.77 24.02 27.56
CA THR G 27 28.69 27.20 25.74
CA THR G 28 25.81 27.88 23.40
CA ILE G 29 25.08 30.99 21.35
CA ASN G 30 21.95 31.18 19.14
CA TYR G 31 22.83 32.62 15.77
CA TYR G 32 19.28 33.02 14.35
CA ARG G 33 16.02 34.86 15.20
CA ASP G 34 13.71 31.89 14.84
CA SER G 35 13.61 29.39 17.75
CA ALA G 36 13.06 26.75 15.08
CA SER G 37 16.63 27.28 13.87
CA ASN G 38 18.08 26.40 17.28
CA ALA G 39 19.73 23.10 18.19
CA ALA G 40 18.03 20.87 20.77
CA SER G 41 19.11 21.66 24.38
CA LYS G 42 18.37 18.09 25.61
CA GLN G 43 17.56 19.73 28.98
CA ASP G 44 14.43 17.72 29.46
CA PHE G 45 12.07 16.82 32.28
CA SER G 46 10.80 13.55 33.47
CA GLN G 47 7.31 12.98 34.80
CA ASP G 48 5.44 10.44 36.79
CA PRO G 49 3.83 7.50 34.81
CA SER G 50 0.60 7.79 36.82
CA LYS G 51 -1.67 9.08 34.07
CA PHE G 52 -1.08 5.74 32.24
CA THR G 53 -0.11 3.32 35.04
CA GLU G 54 -2.56 4.46 37.72
CA PRO G 55 -5.51 6.22 35.87
CA ILE G 56 -8.04 5.22 38.61
CA LYS G 57 -10.38 7.72 40.19
CA ASP G 58 -9.52 6.49 43.71
CA VAL G 59 -5.79 6.67 44.65
CA LEU G 60 -4.17 3.27 44.95
CA ILE G 61 -2.27 2.35 48.12
CA LYS G 62 -0.08 -0.70 47.12
CA THR G 63 -0.11 -2.39 50.53
CA ALA G 64 -3.88 -2.37 50.70
CA PRO G 65 -6.39 -4.56 48.75
CA MET G 66 -6.92 -3.02 45.27
CA LEU G 67 -10.51 -4.09 45.75
CA ASN G 68 -12.33 -3.43 48.96
#